data_2XTX
#
_entry.id   2XTX
#
_cell.length_a   101.065
_cell.length_b   101.065
_cell.length_c   275.609
_cell.angle_alpha   90.00
_cell.angle_beta   90.00
_cell.angle_gamma   90.00
#
_symmetry.space_group_name_H-M   'I 4 2 2'
#
loop_
_entity.id
_entity.type
_entity.pdbx_description
1 polymer QNRB1
2 non-polymer 'SULFATE ION'
3 water water
#
_entity_poly.entity_id   1
_entity_poly.type   'polypeptide(L)'
_entity_poly.pdbx_seq_one_letter_code
;GSHMALALVGEKIDRNRFTGEKIENSTFFNCDFSGADLSGTEFIGCQFYDRESQKGCNFSRAMLKDAIFKSCDLSMADFR
NSSALGIEIRHCRAQGADFRGASFRNMITTRTWFCSAYITNTNLSYANFSKVVLEKCELWENRWIGAQVLGATFSGSDLS
GGEFSTFDWRAANFTHCDLTNSELGDLDIRGVDLQGVKLDNYQASLLMERLGIAVIG
;
_entity_poly.pdbx_strand_id   A,B
#
loop_
_chem_comp.id
_chem_comp.type
_chem_comp.name
_chem_comp.formula
SO4 non-polymer 'SULFATE ION' 'O4 S -2'
#
# COMPACT_ATOMS: atom_id res chain seq x y z
N GLY A 1 32.24 29.73 30.43
CA GLY A 1 31.67 29.74 31.77
C GLY A 1 30.19 30.08 31.73
N SER A 2 29.67 30.49 32.87
CA SER A 2 30.44 30.59 34.09
C SER A 2 30.18 29.38 34.97
N HIS A 3 29.54 28.35 34.37
CA HIS A 3 29.26 27.11 35.07
C HIS A 3 29.76 25.92 34.24
N MET A 4 31.07 25.72 34.29
CA MET A 4 31.72 24.65 33.59
C MET A 4 32.31 23.65 34.56
N ALA A 5 32.27 22.38 34.16
CA ALA A 5 32.91 21.29 34.90
C ALA A 5 32.47 21.17 36.36
N LEU A 6 31.19 21.40 36.63
CA LEU A 6 30.64 21.04 37.92
C LEU A 6 30.66 19.51 38.04
N ALA A 7 30.65 19.01 39.27
CA ALA A 7 30.57 17.58 39.52
C ALA A 7 29.81 17.31 40.80
N LEU A 8 28.50 17.15 40.68
CA LEU A 8 27.65 16.91 41.83
C LEU A 8 27.36 15.41 41.94
N VAL A 9 27.21 14.94 43.17
CA VAL A 9 26.88 13.54 43.43
C VAL A 9 25.90 13.44 44.60
N GLY A 10 24.72 12.88 44.36
CA GLY A 10 23.75 12.63 45.41
C GLY A 10 23.08 13.84 46.03
N GLU A 11 23.16 15.00 45.37
CA GLU A 11 22.60 16.21 45.95
C GLU A 11 21.14 16.44 45.55
N LYS A 12 20.37 17.02 46.48
CA LYS A 12 19.08 17.58 46.17
C LYS A 12 19.30 18.98 45.67
N ILE A 13 18.89 19.25 44.43
CA ILE A 13 19.16 20.53 43.77
C ILE A 13 18.18 21.62 44.23
N ASP A 14 18.72 22.74 44.69
CA ASP A 14 17.91 23.91 45.08
C ASP A 14 17.07 24.41 43.92
N ARG A 15 15.80 24.70 44.20
CA ARG A 15 14.86 25.12 43.19
C ARG A 15 15.35 26.17 42.18
N ASN A 16 16.04 27.21 42.65
CA ASN A 16 16.45 28.30 41.77
C ASN A 16 17.93 28.27 41.42
N ARG A 17 18.62 27.22 41.84
CA ARG A 17 20.06 27.12 41.62
C ARG A 17 20.49 27.30 40.17
N PHE A 18 19.76 26.69 39.23
CA PHE A 18 20.19 26.71 37.82
C PHE A 18 19.30 27.49 36.86
N THR A 19 18.25 28.11 37.37
CA THR A 19 17.25 28.79 36.55
C THR A 19 17.84 29.78 35.55
N GLY A 20 17.53 29.57 34.27
CA GLY A 20 17.95 30.45 33.19
C GLY A 20 19.45 30.47 32.91
N GLU A 21 20.19 29.55 33.52
N GLU A 21 20.18 29.55 33.51
CA GLU A 21 21.64 29.51 33.37
CA GLU A 21 21.63 29.52 33.35
C GLU A 21 22.08 28.55 32.27
C GLU A 21 22.10 28.52 32.31
N LYS A 22 23.33 28.70 31.85
CA LYS A 22 23.95 27.76 30.93
C LYS A 22 24.99 26.96 31.69
N ILE A 23 24.89 25.64 31.61
CA ILE A 23 25.77 24.72 32.32
C ILE A 23 26.45 23.79 31.34
N GLU A 24 27.77 23.66 31.44
CA GLU A 24 28.52 22.91 30.42
C GLU A 24 29.46 21.88 31.00
N ASN A 25 29.64 20.80 30.23
CA ASN A 25 30.61 19.75 30.52
C ASN A 25 30.62 19.37 32.00
N SER A 26 29.45 19.09 32.54
CA SER A 26 29.31 18.80 33.97
C SER A 26 28.69 17.43 34.24
N THR A 27 28.94 16.91 35.44
CA THR A 27 28.36 15.61 35.80
C THR A 27 27.43 15.74 36.98
N PHE A 28 26.26 15.11 36.85
CA PHE A 28 25.28 15.06 37.92
C PHE A 28 24.88 13.60 38.15
N PHE A 29 25.52 12.96 39.13
CA PHE A 29 25.21 11.57 39.47
C PHE A 29 24.18 11.47 40.59
N ASN A 30 23.08 10.78 40.30
CA ASN A 30 22.01 10.58 41.28
C ASN A 30 21.59 11.88 41.97
N CYS A 31 21.45 12.96 41.18
CA CYS A 31 20.97 14.22 41.73
C CYS A 31 19.47 14.38 41.57
N ASP A 32 18.87 15.10 42.51
CA ASP A 32 17.43 15.23 42.59
C ASP A 32 17.00 16.65 42.19
N PHE A 33 16.55 16.79 40.95
CA PHE A 33 16.12 18.08 40.39
C PHE A 33 14.61 18.21 40.48
N SER A 34 13.95 17.35 41.24
CA SER A 34 12.49 17.38 41.26
C SER A 34 11.97 18.71 41.82
N GLY A 35 10.93 19.23 41.17
CA GLY A 35 10.36 20.52 41.50
C GLY A 35 11.27 21.70 41.17
N ALA A 36 12.47 21.43 40.67
CA ALA A 36 13.41 22.50 40.37
C ALA A 36 12.91 23.36 39.24
N ASP A 37 13.21 24.65 39.34
CA ASP A 37 12.86 25.59 38.28
C ASP A 37 14.04 25.62 37.30
N LEU A 38 13.85 25.01 36.14
CA LEU A 38 14.90 24.96 35.13
C LEU A 38 14.46 25.70 33.87
N SER A 39 13.60 26.70 34.05
CA SER A 39 13.10 27.47 32.90
C SER A 39 14.25 28.15 32.19
N GLY A 40 14.33 27.97 30.87
CA GLY A 40 15.38 28.61 30.09
C GLY A 40 16.79 28.13 30.44
N THR A 41 16.91 27.09 31.26
CA THR A 41 18.22 26.55 31.60
C THR A 41 18.75 25.71 30.45
N GLU A 42 20.05 25.79 30.19
CA GLU A 42 20.66 25.06 29.10
C GLU A 42 21.80 24.20 29.60
N PHE A 43 21.69 22.88 29.38
CA PHE A 43 22.79 21.95 29.67
C PHE A 43 23.41 21.48 28.37
N ILE A 44 24.74 21.52 28.31
CA ILE A 44 25.47 21.12 27.12
C ILE A 44 26.61 20.20 27.51
N GLY A 45 26.67 19.02 26.90
CA GLY A 45 27.74 18.08 27.18
C GLY A 45 27.75 17.59 28.62
N CYS A 46 26.58 17.48 29.23
CA CYS A 46 26.49 17.05 30.61
C CYS A 46 26.05 15.59 30.77
N GLN A 47 26.55 14.96 31.82
CA GLN A 47 26.25 13.56 32.12
C GLN A 47 25.30 13.47 33.31
N PHE A 48 24.12 12.90 33.11
CA PHE A 48 23.14 12.77 34.19
C PHE A 48 22.93 11.30 34.59
N TYR A 49 23.84 10.44 34.16
CA TYR A 49 23.68 9.00 34.40
C TYR A 49 24.96 8.38 34.94
N ASP A 50 24.83 7.55 35.97
CA ASP A 50 25.96 6.93 36.62
C ASP A 50 26.03 5.45 36.24
N ARG A 51 26.91 5.10 35.32
CA ARG A 51 27.02 3.72 34.85
C ARG A 51 27.38 2.76 35.98
N GLU A 52 27.87 3.32 37.10
CA GLU A 52 28.24 2.53 38.27
C GLU A 52 27.03 2.02 39.04
N SER A 53 26.19 2.95 39.48
CA SER A 53 25.00 2.60 40.23
C SER A 53 23.84 2.32 39.31
N GLN A 54 24.00 2.71 38.04
CA GLN A 54 22.92 2.63 37.07
C GLN A 54 21.75 3.55 37.44
N LYS A 55 22.05 4.62 38.17
CA LYS A 55 21.04 5.61 38.51
C LYS A 55 21.04 6.81 37.55
N GLY A 56 19.84 7.28 37.20
CA GLY A 56 19.70 8.53 36.46
C GLY A 56 19.46 9.65 37.47
N CYS A 57 19.05 10.81 36.97
CA CYS A 57 18.65 11.91 37.83
C CYS A 57 17.14 12.04 37.81
N ASN A 58 16.60 12.67 38.87
CA ASN A 58 15.17 12.88 38.99
C ASN A 58 14.81 14.30 38.56
N PHE A 59 13.94 14.42 37.56
CA PHE A 59 13.46 15.70 37.05
C PHE A 59 11.95 15.79 37.20
N SER A 60 11.37 14.86 37.94
CA SER A 60 9.91 14.82 38.06
C SER A 60 9.36 16.14 38.60
N ARG A 61 8.29 16.62 37.98
CA ARG A 61 7.63 17.86 38.35
C ARG A 61 8.48 19.12 38.20
N ALA A 62 9.67 19.00 37.62
CA ALA A 62 10.50 20.18 37.36
C ALA A 62 9.82 21.10 36.35
N MET A 63 10.10 22.39 36.47
CA MET A 63 9.67 23.36 35.47
C MET A 63 10.76 23.39 34.40
N LEU A 64 10.39 23.06 33.17
CA LEU A 64 11.38 22.87 32.12
C LEU A 64 11.00 23.67 30.90
N LYS A 65 10.17 24.68 31.08
CA LYS A 65 9.78 25.52 29.95
C LYS A 65 11.04 26.07 29.28
N ASP A 66 11.15 25.84 27.99
CA ASP A 66 12.27 26.37 27.22
C ASP A 66 13.64 25.85 27.68
N ALA A 67 13.67 24.83 28.53
CA ALA A 67 14.95 24.22 28.87
C ALA A 67 15.59 23.59 27.64
N ILE A 68 16.89 23.40 27.68
CA ILE A 68 17.62 22.86 26.57
C ILE A 68 18.65 21.87 27.09
N PHE A 69 18.61 20.66 26.55
CA PHE A 69 19.66 19.68 26.76
C PHE A 69 20.27 19.38 25.41
N LYS A 70 21.58 19.55 25.31
CA LYS A 70 22.27 19.38 24.06
C LYS A 70 23.48 18.49 24.30
N SER A 71 23.54 17.38 23.56
CA SER A 71 24.63 16.41 23.73
C SER A 71 24.79 15.99 25.19
N CYS A 72 23.68 15.67 25.84
CA CYS A 72 23.69 15.22 27.22
C CYS A 72 23.40 13.74 27.29
N ASP A 73 23.87 13.08 28.36
CA ASP A 73 23.46 11.72 28.63
C ASP A 73 22.37 11.74 29.67
N LEU A 74 21.14 11.60 29.21
CA LEU A 74 19.98 11.60 30.09
C LEU A 74 19.42 10.19 30.33
N SER A 75 20.26 9.16 30.17
CA SER A 75 19.78 7.79 30.36
C SER A 75 19.07 7.65 31.71
N MET A 76 17.97 6.90 31.71
CA MET A 76 17.21 6.62 32.94
C MET A 76 16.62 7.86 33.61
N ALA A 77 16.74 9.03 32.98
CA ALA A 77 16.18 10.26 33.57
C ALA A 77 14.68 10.14 33.85
N ASP A 78 14.26 10.72 34.98
CA ASP A 78 12.85 10.68 35.35
C ASP A 78 12.23 12.06 35.10
N PHE A 79 11.47 12.17 34.02
CA PHE A 79 10.84 13.44 33.63
C PHE A 79 9.35 13.44 33.92
N ARG A 80 8.91 12.50 34.74
CA ARG A 80 7.47 12.34 35.00
C ARG A 80 6.82 13.59 35.53
N ASN A 81 5.63 13.89 35.01
CA ASN A 81 4.83 14.98 35.53
C ASN A 81 5.54 16.35 35.50
N SER A 82 6.59 16.48 34.70
CA SER A 82 7.25 17.77 34.55
C SER A 82 6.44 18.65 33.61
N SER A 83 6.74 19.95 33.61
CA SER A 83 6.15 20.90 32.67
C SER A 83 7.22 21.25 31.63
N ALA A 84 7.03 20.81 30.40
CA ALA A 84 8.12 20.80 29.44
C ALA A 84 7.80 21.52 28.13
N LEU A 85 6.91 22.49 28.19
CA LEU A 85 6.56 23.24 26.99
C LEU A 85 7.80 23.87 26.36
N GLY A 86 8.06 23.54 25.09
CA GLY A 86 9.14 24.16 24.35
C GLY A 86 10.51 23.58 24.68
N ILE A 87 10.53 22.50 25.42
CA ILE A 87 11.79 21.86 25.75
C ILE A 87 12.52 21.40 24.48
N GLU A 88 13.85 21.51 24.50
CA GLU A 88 14.68 20.99 23.43
C GLU A 88 15.59 19.93 24.00
N ILE A 89 15.60 18.78 23.35
CA ILE A 89 16.51 17.72 23.69
C ILE A 89 17.14 17.32 22.37
N ARG A 90 18.42 17.64 22.22
CA ARG A 90 19.10 17.56 20.94
C ARG A 90 20.36 16.75 21.07
N HIS A 91 20.52 15.77 20.19
N HIS A 91 20.53 15.79 20.17
CA HIS A 91 21.76 15.00 20.17
CA HIS A 91 21.73 14.94 20.14
C HIS A 91 22.04 14.40 21.54
C HIS A 91 22.03 14.39 21.53
N CYS A 92 21.00 13.96 22.24
CA CYS A 92 21.18 13.34 23.55
C CYS A 92 21.01 11.81 23.52
N ARG A 93 21.61 11.15 24.48
CA ARG A 93 21.22 9.79 24.84
C ARG A 93 20.14 9.89 25.90
N ALA A 94 18.98 9.32 25.62
CA ALA A 94 17.89 9.33 26.61
C ALA A 94 17.28 7.93 26.78
N GLN A 95 18.13 6.91 26.71
CA GLN A 95 17.69 5.53 26.83
C GLN A 95 17.05 5.27 28.19
N GLY A 96 15.81 4.80 28.16
CA GLY A 96 15.10 4.48 29.39
C GLY A 96 14.50 5.69 30.08
N ALA A 97 14.61 6.88 29.50
CA ALA A 97 14.02 8.05 30.15
C ALA A 97 12.50 7.91 30.27
N ASP A 98 11.92 8.52 31.30
CA ASP A 98 10.51 8.34 31.62
C ASP A 98 9.76 9.67 31.54
N PHE A 99 8.87 9.80 30.56
CA PHE A 99 8.17 11.06 30.31
C PHE A 99 6.69 11.02 30.70
N ARG A 100 6.28 9.96 31.36
CA ARG A 100 4.85 9.79 31.66
C ARG A 100 4.29 10.95 32.47
N GLY A 101 3.18 11.51 32.02
CA GLY A 101 2.55 12.62 32.71
C GLY A 101 3.15 13.99 32.42
N ALA A 102 4.34 14.03 31.84
CA ALA A 102 4.93 15.31 31.43
C ALA A 102 4.01 16.00 30.45
N SER A 103 3.92 17.32 30.57
CA SER A 103 3.10 18.13 29.68
C SER A 103 3.97 18.98 28.76
N PHE A 104 3.58 19.04 27.49
CA PHE A 104 4.31 19.82 26.53
C PHE A 104 3.40 20.91 25.96
N ARG A 105 2.33 21.20 26.69
CA ARG A 105 1.36 22.21 26.28
C ARG A 105 1.57 23.50 27.05
N CYS A 115 0.83 22.11 21.63
CA CYS A 115 2.05 21.44 22.07
C CYS A 115 3.27 22.02 21.42
N SER A 116 4.39 21.94 22.13
CA SER A 116 5.66 22.35 21.56
C SER A 116 6.78 21.57 22.22
N ALA A 117 7.58 20.90 21.41
CA ALA A 117 8.74 20.17 21.91
C ALA A 117 9.70 19.85 20.77
N TYR A 118 10.99 19.82 21.06
CA TYR A 118 11.98 19.53 20.06
C TYR A 118 12.90 18.46 20.59
N ILE A 119 12.62 17.22 20.23
CA ILE A 119 13.44 16.10 20.63
C ILE A 119 13.95 15.46 19.36
N THR A 120 15.23 15.69 19.06
CA THR A 120 15.77 15.36 17.75
C THR A 120 17.17 14.78 17.90
N ASN A 121 17.55 13.93 16.94
CA ASN A 121 18.85 13.25 16.95
C ASN A 121 19.13 12.61 18.28
N THR A 122 18.11 12.06 18.89
CA THR A 122 18.24 11.56 20.25
C THR A 122 17.90 10.08 20.33
N ASN A 123 18.63 9.37 21.21
CA ASN A 123 18.35 7.96 21.46
C ASN A 123 17.25 7.82 22.51
N LEU A 124 16.06 7.47 22.04
CA LEU A 124 14.89 7.27 22.90
C LEU A 124 14.56 5.78 23.12
N SER A 125 15.55 4.90 22.95
CA SER A 125 15.31 3.47 23.10
C SER A 125 14.78 3.20 24.51
N TYR A 126 13.71 2.42 24.60
CA TYR A 126 13.15 2.00 25.89
C TYR A 126 12.67 3.17 26.71
N ALA A 127 12.54 4.33 26.09
CA ALA A 127 11.97 5.47 26.80
C ALA A 127 10.48 5.25 26.96
N ASN A 128 9.88 5.90 27.96
CA ASN A 128 8.46 5.73 28.22
C ASN A 128 7.62 6.98 27.93
N PHE A 129 6.78 6.88 26.88
CA PHE A 129 5.94 7.99 26.42
C PHE A 129 4.46 7.68 26.60
N SER A 130 4.15 6.64 27.38
CA SER A 130 2.75 6.25 27.64
C SER A 130 1.82 7.43 27.93
N LYS A 131 0.74 7.51 27.17
CA LYS A 131 -0.30 8.53 27.37
C LYS A 131 0.13 9.97 27.11
N VAL A 132 1.38 10.15 26.70
CA VAL A 132 1.91 11.49 26.46
C VAL A 132 1.25 12.15 25.25
N VAL A 133 1.08 13.46 25.31
CA VAL A 133 0.52 14.21 24.19
C VAL A 133 1.59 15.07 23.51
N LEU A 134 2.00 14.66 22.31
CA LEU A 134 3.03 15.37 21.54
C LEU A 134 2.54 15.61 20.14
N GLU A 135 1.65 16.58 20.02
CA GLU A 135 0.98 16.87 18.75
C GLU A 135 1.69 18.00 18.03
N LYS A 136 1.89 17.81 16.73
CA LYS A 136 2.54 18.81 15.88
C LYS A 136 3.90 19.26 16.44
N CYS A 137 4.68 18.32 16.96
CA CYS A 137 6.00 18.61 17.53
C CYS A 137 7.15 18.19 16.59
N GLU A 138 8.38 18.53 16.97
CA GLU A 138 9.55 18.12 16.19
C GLU A 138 10.24 16.95 16.89
N LEU A 139 10.15 15.78 16.28
CA LEU A 139 10.62 14.55 16.89
C LEU A 139 11.40 13.71 15.88
N TRP A 140 12.17 14.38 15.03
CA TRP A 140 12.82 13.74 13.88
C TRP A 140 14.21 13.20 14.23
N GLU A 141 14.64 12.18 13.46
CA GLU A 141 15.95 11.54 13.61
C GLU A 141 16.22 10.93 14.98
N ASN A 142 15.18 10.39 15.60
CA ASN A 142 15.36 9.68 16.86
C ASN A 142 15.42 8.16 16.69
N ARG A 143 15.94 7.50 17.72
CA ARG A 143 15.97 6.04 17.78
C ARG A 143 14.93 5.60 18.78
N TRP A 144 13.97 4.79 18.34
CA TRP A 144 12.77 4.54 19.14
C TRP A 144 12.64 3.09 19.58
N ILE A 145 13.73 2.34 19.46
CA ILE A 145 13.70 0.89 19.73
C ILE A 145 13.17 0.57 21.12
N GLY A 146 12.08 -0.18 21.17
CA GLY A 146 11.50 -0.60 22.44
C GLY A 146 10.90 0.53 23.27
N ALA A 147 10.65 1.68 22.65
CA ALA A 147 10.00 2.77 23.38
C ALA A 147 8.54 2.40 23.65
N GLN A 148 8.04 2.75 24.83
CA GLN A 148 6.65 2.47 25.15
C GLN A 148 5.80 3.69 24.83
N VAL A 149 4.76 3.50 24.03
CA VAL A 149 4.01 4.65 23.55
C VAL A 149 2.52 4.47 23.73
N LEU A 150 2.13 3.40 24.44
CA LEU A 150 0.72 3.04 24.60
C LEU A 150 -0.13 4.23 25.05
N GLY A 151 -1.19 4.53 24.28
CA GLY A 151 -2.11 5.61 24.61
C GLY A 151 -1.60 7.00 24.26
N ALA A 152 -0.37 7.07 23.76
CA ALA A 152 0.19 8.38 23.43
C ALA A 152 -0.40 8.91 22.12
N THR A 153 -0.26 10.20 21.87
CA THR A 153 -0.50 10.73 20.54
C THR A 153 0.67 11.58 20.08
N PHE A 154 1.12 11.31 18.86
CA PHE A 154 2.18 12.07 18.23
C PHE A 154 1.60 12.79 17.02
N SER A 155 0.27 12.83 16.95
CA SER A 155 -0.43 13.29 15.77
C SER A 155 0.05 14.62 15.21
N GLY A 156 0.38 14.61 13.93
CA GLY A 156 0.85 15.78 13.24
C GLY A 156 2.33 16.05 13.41
N SER A 157 3.02 15.29 14.27
CA SER A 157 4.45 15.54 14.47
C SER A 157 5.36 15.08 13.32
N ASP A 158 6.54 15.68 13.26
CA ASP A 158 7.58 15.28 12.32
C ASP A 158 8.42 14.21 12.97
N LEU A 159 8.28 12.97 12.50
CA LEU A 159 9.03 11.84 13.03
C LEU A 159 10.06 11.33 12.03
N SER A 160 10.27 12.10 10.97
CA SER A 160 11.08 11.64 9.85
C SER A 160 12.52 11.37 10.27
N GLY A 161 13.21 10.51 9.53
CA GLY A 161 14.56 10.10 9.86
C GLY A 161 14.65 9.13 11.04
N GLY A 162 13.51 8.64 11.53
CA GLY A 162 13.49 7.78 12.72
C GLY A 162 13.83 6.31 12.52
N GLU A 163 14.24 5.64 13.61
CA GLU A 163 14.42 4.19 13.59
C GLU A 163 13.35 3.53 14.45
N PHE A 164 12.49 2.74 13.82
CA PHE A 164 11.32 2.18 14.50
C PHE A 164 11.23 0.67 14.43
N SER A 165 12.34 -0.06 14.56
CA SER A 165 12.20 -1.48 14.80
C SER A 165 11.82 -1.67 16.29
N THR A 166 11.28 -2.84 16.62
CA THR A 166 10.78 -3.12 17.98
C THR A 166 9.96 -1.94 18.51
N PHE A 167 8.96 -1.55 17.72
CA PHE A 167 8.15 -0.38 18.01
C PHE A 167 6.73 -0.69 17.57
N ASP A 168 5.77 -0.52 18.47
CA ASP A 168 4.38 -0.91 18.17
C ASP A 168 3.54 0.21 17.58
N TRP A 169 3.44 0.22 16.25
CA TRP A 169 2.73 1.27 15.54
C TRP A 169 1.23 1.33 15.84
N ARG A 170 0.69 0.26 16.43
CA ARG A 170 -0.74 0.23 16.77
C ARG A 170 -1.01 0.91 18.10
N ALA A 171 0.04 1.16 18.89
CA ALA A 171 -0.13 1.55 20.29
C ALA A 171 -0.42 3.02 20.54
N ALA A 172 -0.24 3.86 19.53
CA ALA A 172 -0.39 5.31 19.70
C ALA A 172 -0.97 5.95 18.45
N ASN A 173 -1.28 7.24 18.56
CA ASN A 173 -1.86 7.96 17.44
C ASN A 173 -0.76 8.56 16.54
N PHE A 174 -0.72 8.14 15.28
CA PHE A 174 0.31 8.62 14.34
C PHE A 174 -0.29 9.32 13.13
N THR A 175 -1.59 9.60 13.17
CA THR A 175 -2.25 10.23 12.04
C THR A 175 -1.61 11.60 11.78
N HIS A 176 -1.53 11.99 10.50
CA HIS A 176 -0.96 13.28 10.13
C HIS A 176 0.56 13.40 10.39
N CYS A 177 1.20 12.33 10.81
CA CYS A 177 2.65 12.38 11.01
C CYS A 177 3.45 12.35 9.70
N ASP A 178 4.58 13.04 9.71
CA ASP A 178 5.59 12.87 8.68
C ASP A 178 6.50 11.70 9.11
N LEU A 179 6.45 10.61 8.36
CA LEU A 179 7.25 9.43 8.70
C LEU A 179 8.33 9.15 7.67
N THR A 180 8.54 10.09 6.75
CA THR A 180 9.43 9.85 5.61
C THR A 180 10.85 9.56 6.05
N ASN A 181 11.59 8.92 5.15
CA ASN A 181 13.00 8.66 5.37
C ASN A 181 13.30 7.98 6.70
N SER A 182 12.49 6.98 7.05
CA SER A 182 12.67 6.28 8.32
C SER A 182 12.76 4.77 8.11
N GLU A 183 13.28 4.08 9.11
CA GLU A 183 13.16 2.63 9.19
C GLU A 183 11.85 2.29 9.90
N LEU A 184 10.85 1.86 9.14
CA LEU A 184 9.51 1.62 9.70
C LEU A 184 9.36 0.30 10.49
N GLY A 185 10.24 -0.67 10.26
CA GLY A 185 10.15 -1.94 10.94
C GLY A 185 8.85 -2.64 10.56
N ASP A 186 8.09 -3.14 11.53
CA ASP A 186 6.91 -3.94 11.20
C ASP A 186 5.56 -3.15 11.23
N LEU A 187 5.42 -2.20 10.31
CA LEU A 187 4.18 -1.47 10.19
C LEU A 187 3.27 -2.17 9.16
N ASP A 188 2.09 -2.57 9.62
CA ASP A 188 1.14 -3.23 8.73
C ASP A 188 -0.02 -2.31 8.44
N ILE A 189 -0.12 -1.87 7.18
CA ILE A 189 -1.13 -0.86 6.82
C ILE A 189 -2.57 -1.36 6.93
N ARG A 190 -2.73 -2.65 7.18
CA ARG A 190 -4.06 -3.21 7.34
C ARG A 190 -4.59 -2.94 8.74
N GLY A 191 -3.69 -2.77 9.70
CA GLY A 191 -4.10 -2.61 11.09
C GLY A 191 -3.69 -1.32 11.79
N VAL A 192 -3.20 -0.36 11.02
CA VAL A 192 -2.76 0.92 11.59
C VAL A 192 -3.40 2.08 10.86
N ASP A 193 -3.95 3.01 11.62
CA ASP A 193 -4.58 4.19 11.04
C ASP A 193 -3.49 5.21 10.65
N LEU A 194 -3.30 5.40 9.35
CA LEU A 194 -2.27 6.30 8.84
C LEU A 194 -2.87 7.45 8.07
N GLN A 195 -4.11 7.80 8.36
CA GLN A 195 -4.76 8.95 7.75
C GLN A 195 -3.88 10.20 7.88
N GLY A 196 -3.64 10.89 6.77
CA GLY A 196 -2.88 12.13 6.79
C GLY A 196 -1.36 11.99 6.83
N VAL A 197 -0.87 10.76 6.89
CA VAL A 197 0.55 10.48 7.06
C VAL A 197 1.34 10.71 5.77
N LYS A 198 2.57 11.20 5.91
CA LYS A 198 3.46 11.37 4.78
C LYS A 198 4.49 10.25 4.78
N LEU A 199 4.58 9.55 3.66
CA LEU A 199 5.57 8.49 3.44
C LEU A 199 6.30 8.79 2.13
N ASP A 200 7.46 8.18 1.93
CA ASP A 200 8.10 8.29 0.63
C ASP A 200 7.89 7.01 -0.18
N ASN A 201 8.31 7.03 -1.44
CA ASN A 201 7.98 5.94 -2.36
C ASN A 201 8.65 4.63 -2.00
N TYR A 202 9.87 4.69 -1.46
CA TYR A 202 10.51 3.47 -0.98
C TYR A 202 9.67 2.82 0.14
N GLN A 203 9.19 3.64 1.07
CA GLN A 203 8.36 3.15 2.17
C GLN A 203 7.02 2.60 1.67
N ALA A 204 6.42 3.29 0.71
CA ALA A 204 5.15 2.83 0.16
C ALA A 204 5.32 1.43 -0.44
N SER A 205 6.42 1.24 -1.16
CA SER A 205 6.68 -0.06 -1.78
C SER A 205 6.91 -1.08 -0.67
N LEU A 206 7.66 -0.69 0.35
CA LEU A 206 7.98 -1.59 1.45
C LEU A 206 6.69 -2.10 2.11
N LEU A 207 5.77 -1.19 2.38
CA LEU A 207 4.52 -1.55 3.04
C LEU A 207 3.63 -2.41 2.14
N MET A 208 3.67 -2.16 0.84
CA MET A 208 2.90 -3.00 -0.08
C MET A 208 3.48 -4.39 -0.25
N GLU A 209 4.82 -4.50 -0.19
CA GLU A 209 5.49 -5.78 -0.35
C GLU A 209 5.06 -6.74 0.76
N ARG A 210 4.75 -6.17 1.91
CA ARG A 210 4.25 -6.90 3.06
C ARG A 210 2.92 -7.59 2.71
N LEU A 211 2.18 -7.01 1.76
CA LEU A 211 0.94 -7.62 1.28
C LEU A 211 1.18 -8.59 0.12
N GLY A 212 2.44 -8.82 -0.23
CA GLY A 212 2.78 -9.69 -1.33
C GLY A 212 2.76 -9.02 -2.70
N ILE A 213 2.65 -7.70 -2.71
CA ILE A 213 2.63 -6.94 -3.96
C ILE A 213 4.05 -6.54 -4.38
N ALA A 214 4.32 -6.65 -5.67
CA ALA A 214 5.57 -6.13 -6.23
C ALA A 214 5.28 -4.80 -6.91
N VAL A 215 5.91 -3.74 -6.45
CA VAL A 215 5.77 -2.45 -7.11
C VAL A 215 6.92 -2.28 -8.08
N ILE A 216 6.61 -1.88 -9.31
CA ILE A 216 7.63 -1.78 -10.35
C ILE A 216 7.72 -0.42 -11.02
N MET B 4 -14.91 -13.36 -48.62
CA MET B 4 -14.95 -11.90 -48.51
C MET B 4 -16.33 -11.31 -48.78
N ALA B 5 -16.65 -10.24 -48.04
CA ALA B 5 -17.95 -9.58 -48.12
C ALA B 5 -19.13 -10.56 -48.17
N LEU B 6 -19.12 -11.54 -47.27
CA LEU B 6 -20.31 -12.34 -47.05
C LEU B 6 -21.31 -11.48 -46.31
N ALA B 7 -22.58 -11.87 -46.35
CA ALA B 7 -23.62 -11.14 -45.65
C ALA B 7 -24.75 -12.10 -45.32
N LEU B 8 -24.51 -12.95 -44.33
CA LEU B 8 -25.46 -13.95 -43.89
C LEU B 8 -26.45 -13.40 -42.88
N VAL B 9 -27.70 -13.87 -42.95
CA VAL B 9 -28.72 -13.52 -41.98
C VAL B 9 -29.53 -14.75 -41.57
N GLY B 10 -29.69 -14.94 -40.27
CA GLY B 10 -30.51 -16.03 -39.74
C GLY B 10 -30.13 -17.44 -40.14
N GLU B 11 -28.92 -17.64 -40.65
CA GLU B 11 -28.53 -18.98 -41.06
C GLU B 11 -28.02 -19.83 -39.90
N LYS B 12 -28.25 -21.14 -39.98
CA LYS B 12 -27.51 -22.07 -39.17
C LYS B 12 -26.28 -22.48 -39.97
N ILE B 13 -25.12 -22.38 -39.33
CA ILE B 13 -23.84 -22.59 -40.01
C ILE B 13 -23.42 -24.05 -39.93
N ASP B 14 -23.19 -24.64 -41.10
CA ASP B 14 -22.73 -26.04 -41.19
C ASP B 14 -21.40 -26.21 -40.48
N ARG B 15 -21.25 -27.33 -39.79
CA ARG B 15 -20.06 -27.61 -38.99
C ARG B 15 -18.73 -27.28 -39.69
N ASN B 16 -18.55 -27.77 -40.91
CA ASN B 16 -17.26 -27.60 -41.58
C ASN B 16 -17.24 -26.51 -42.63
N ARG B 17 -18.29 -25.68 -42.64
CA ARG B 17 -18.37 -24.60 -43.62
C ARG B 17 -17.13 -23.72 -43.62
N PHE B 18 -16.69 -23.31 -42.43
CA PHE B 18 -15.63 -22.30 -42.35
C PHE B 18 -14.30 -22.80 -41.78
N THR B 19 -14.23 -24.08 -41.44
CA THR B 19 -13.04 -24.62 -40.80
C THR B 19 -11.74 -24.20 -41.50
N GLY B 20 -10.85 -23.57 -40.74
CA GLY B 20 -9.51 -23.27 -41.20
C GLY B 20 -9.42 -22.18 -42.25
N GLU B 21 -10.52 -21.47 -42.47
CA GLU B 21 -10.56 -20.49 -43.55
C GLU B 21 -10.43 -19.06 -43.05
N LYS B 22 -10.08 -18.16 -43.96
CA LYS B 22 -9.96 -16.75 -43.67
C LYS B 22 -11.14 -15.97 -44.24
N ILE B 23 -11.93 -15.38 -43.35
CA ILE B 23 -13.11 -14.62 -43.74
C ILE B 23 -12.97 -13.14 -43.37
N GLU B 24 -13.23 -12.26 -44.33
CA GLU B 24 -12.97 -10.83 -44.17
C GLU B 24 -14.15 -9.95 -44.54
N ASN B 25 -14.23 -8.81 -43.85
CA ASN B 25 -15.26 -7.80 -44.04
C ASN B 25 -16.63 -8.35 -44.35
N SER B 26 -17.06 -9.30 -43.53
CA SER B 26 -18.36 -9.92 -43.70
C SER B 26 -19.26 -9.64 -42.52
N THR B 27 -20.57 -9.80 -42.74
CA THR B 27 -21.53 -9.62 -41.67
C THR B 27 -22.26 -10.94 -41.40
N PHE B 28 -22.52 -11.22 -40.13
CA PHE B 28 -23.23 -12.41 -39.73
C PHE B 28 -24.24 -12.01 -38.66
N PHE B 29 -25.45 -11.72 -39.10
CA PHE B 29 -26.49 -11.24 -38.21
C PHE B 29 -27.43 -12.38 -37.82
N ASN B 30 -27.61 -12.57 -36.52
CA ASN B 30 -28.49 -13.63 -36.01
C ASN B 30 -28.18 -14.99 -36.61
N CYS B 31 -26.90 -15.30 -36.78
CA CYS B 31 -26.51 -16.62 -37.26
C CYS B 31 -26.18 -17.56 -36.12
N ASP B 32 -26.26 -18.86 -36.37
CA ASP B 32 -26.07 -19.85 -35.33
C ASP B 32 -24.85 -20.72 -35.61
N PHE B 33 -23.73 -20.37 -34.98
CA PHE B 33 -22.49 -21.13 -35.14
C PHE B 33 -22.38 -22.26 -34.14
N SER B 34 -23.46 -22.53 -33.40
CA SER B 34 -23.51 -23.65 -32.46
C SER B 34 -22.76 -24.87 -32.97
N GLY B 35 -21.79 -25.33 -32.20
CA GLY B 35 -21.07 -26.56 -32.51
C GLY B 35 -20.25 -26.55 -33.78
N ALA B 36 -20.18 -25.39 -34.45
CA ALA B 36 -19.40 -25.26 -35.68
C ALA B 36 -17.92 -25.54 -35.42
N ASP B 37 -17.23 -26.11 -36.40
CA ASP B 37 -15.79 -26.32 -36.29
C ASP B 37 -15.08 -25.12 -36.85
N LEU B 38 -14.55 -24.28 -35.98
CA LEU B 38 -13.91 -23.04 -36.39
C LEU B 38 -12.42 -23.03 -36.08
N SER B 39 -11.83 -24.22 -35.94
CA SER B 39 -10.39 -24.33 -35.69
C SER B 39 -9.57 -23.71 -36.81
N GLY B 40 -8.67 -22.80 -36.46
CA GLY B 40 -7.77 -22.21 -37.43
C GLY B 40 -8.49 -21.25 -38.35
N THR B 41 -9.77 -21.05 -38.08
CA THR B 41 -10.56 -20.07 -38.83
C THR B 41 -10.19 -18.67 -38.37
N GLU B 42 -10.00 -17.76 -39.32
CA GLU B 42 -9.64 -16.39 -39.01
C GLU B 42 -10.67 -15.40 -39.56
N PHE B 43 -11.35 -14.68 -38.68
CA PHE B 43 -12.26 -13.60 -39.06
C PHE B 43 -11.59 -12.25 -38.86
N ILE B 44 -11.61 -11.42 -39.90
CA ILE B 44 -11.02 -10.09 -39.82
C ILE B 44 -12.01 -9.04 -40.32
N GLY B 45 -12.27 -8.03 -39.50
CA GLY B 45 -13.17 -6.94 -39.86
C GLY B 45 -14.61 -7.40 -40.09
N CYS B 46 -15.03 -8.42 -39.34
CA CYS B 46 -16.39 -8.95 -39.47
C CYS B 46 -17.32 -8.46 -38.37
N GLN B 47 -18.60 -8.30 -38.68
CA GLN B 47 -19.60 -7.92 -37.69
C GLN B 47 -20.51 -9.09 -37.38
N PHE B 48 -20.66 -9.41 -36.11
CA PHE B 48 -21.51 -10.51 -35.69
C PHE B 48 -22.68 -10.01 -34.84
N TYR B 49 -22.91 -8.71 -34.90
CA TYR B 49 -23.95 -8.11 -34.08
C TYR B 49 -24.83 -7.22 -34.94
N ASP B 50 -26.13 -7.49 -34.89
CA ASP B 50 -27.12 -6.76 -35.67
C ASP B 50 -27.63 -5.61 -34.83
N ARG B 51 -27.18 -4.40 -35.15
CA ARG B 51 -27.53 -3.19 -34.41
C ARG B 51 -29.02 -2.83 -34.55
N GLU B 52 -29.69 -3.41 -35.54
CA GLU B 52 -31.13 -3.17 -35.72
C GLU B 52 -31.95 -4.09 -34.83
N SER B 53 -31.80 -5.40 -35.02
CA SER B 53 -32.53 -6.38 -34.21
C SER B 53 -31.91 -6.49 -32.82
N GLN B 54 -30.78 -5.83 -32.63
CA GLN B 54 -30.04 -5.88 -31.36
C GLN B 54 -29.86 -7.31 -30.89
N LYS B 55 -29.42 -8.17 -31.81
CA LYS B 55 -29.13 -9.56 -31.50
C LYS B 55 -27.71 -9.92 -31.96
N GLY B 56 -27.12 -10.94 -31.33
CA GLY B 56 -25.79 -11.40 -31.68
C GLY B 56 -25.82 -12.81 -32.23
N CYS B 57 -24.65 -13.41 -32.42
CA CYS B 57 -24.58 -14.78 -32.91
C CYS B 57 -24.32 -15.79 -31.79
N ASN B 58 -24.63 -17.05 -32.07
CA ASN B 58 -24.50 -18.11 -31.11
C ASN B 58 -23.27 -18.95 -31.43
N PHE B 59 -22.32 -19.03 -30.52
CA PHE B 59 -21.14 -19.87 -30.74
C PHE B 59 -21.06 -20.94 -29.67
N SER B 60 -22.12 -21.10 -28.88
CA SER B 60 -22.09 -22.07 -27.78
C SER B 60 -21.62 -23.43 -28.27
N ARG B 61 -20.79 -24.08 -27.48
CA ARG B 61 -20.25 -25.41 -27.80
C ARG B 61 -19.46 -25.50 -29.10
N ALA B 62 -19.15 -24.37 -29.73
CA ALA B 62 -18.33 -24.38 -30.94
C ALA B 62 -16.89 -24.81 -30.66
N MET B 63 -16.25 -25.42 -31.65
CA MET B 63 -14.83 -25.74 -31.57
C MET B 63 -14.03 -24.54 -32.08
N LEU B 64 -13.43 -23.79 -31.14
CA LEU B 64 -12.73 -22.55 -31.43
C LEU B 64 -11.23 -22.61 -31.22
N LYS B 65 -10.68 -23.81 -31.15
CA LYS B 65 -9.25 -23.98 -30.92
C LYS B 65 -8.45 -23.31 -32.03
N ASP B 66 -7.60 -22.37 -31.63
CA ASP B 66 -6.76 -21.65 -32.59
C ASP B 66 -7.55 -20.81 -33.59
N ALA B 67 -8.80 -20.50 -33.25
CA ALA B 67 -9.56 -19.52 -34.01
C ALA B 67 -9.01 -18.12 -33.73
N ILE B 68 -9.27 -17.20 -34.66
CA ILE B 68 -8.77 -15.84 -34.57
C ILE B 68 -9.86 -14.86 -34.96
N PHE B 69 -10.12 -13.89 -34.10
CA PHE B 69 -11.02 -12.79 -34.43
C PHE B 69 -10.23 -11.50 -34.30
N LYS B 70 -10.17 -10.71 -35.37
CA LYS B 70 -9.49 -9.42 -35.34
C LYS B 70 -10.40 -8.34 -35.84
N SER B 71 -10.46 -7.22 -35.11
CA SER B 71 -11.30 -6.10 -35.49
C SER B 71 -12.72 -6.53 -35.85
N CYS B 72 -13.28 -7.47 -35.08
CA CYS B 72 -14.66 -7.87 -35.25
C CYS B 72 -15.57 -7.27 -34.18
N ASP B 73 -16.87 -7.27 -34.44
CA ASP B 73 -17.83 -6.89 -33.41
C ASP B 73 -18.52 -8.16 -32.93
N LEU B 74 -18.16 -8.58 -31.72
CA LEU B 74 -18.70 -9.80 -31.12
C LEU B 74 -19.67 -9.46 -30.00
N SER B 75 -20.23 -8.26 -30.04
CA SER B 75 -21.24 -7.87 -29.05
C SER B 75 -22.31 -8.94 -28.87
N MET B 76 -22.67 -9.20 -27.61
N MET B 76 -22.70 -9.18 -27.62
CA MET B 76 -23.69 -10.17 -27.23
CA MET B 76 -23.74 -10.15 -27.28
C MET B 76 -23.44 -11.56 -27.76
C MET B 76 -23.45 -11.57 -27.77
N ALA B 77 -22.24 -11.80 -28.28
CA ALA B 77 -21.89 -13.13 -28.73
C ALA B 77 -22.01 -14.15 -27.59
N ASP B 78 -22.52 -15.34 -27.91
CA ASP B 78 -22.67 -16.39 -26.91
C ASP B 78 -21.58 -17.43 -27.11
N PHE B 79 -20.58 -17.42 -26.24
CA PHE B 79 -19.46 -18.36 -26.32
C PHE B 79 -19.59 -19.49 -25.30
N ARG B 80 -20.77 -19.60 -24.70
CA ARG B 80 -20.93 -20.57 -23.62
C ARG B 80 -20.50 -21.98 -23.99
N ASN B 81 -19.80 -22.63 -23.06
CA ASN B 81 -19.40 -24.02 -23.21
C ASN B 81 -18.61 -24.34 -24.48
N SER B 82 -18.03 -23.32 -25.11
CA SER B 82 -17.19 -23.57 -26.27
C SER B 82 -15.80 -24.08 -25.85
N SER B 83 -15.04 -24.55 -26.84
CA SER B 83 -13.65 -24.99 -26.63
C SER B 83 -12.75 -24.01 -27.36
N ALA B 84 -12.05 -23.18 -26.61
CA ALA B 84 -11.35 -22.06 -27.21
C ALA B 84 -9.85 -22.01 -26.87
N LEU B 85 -9.26 -23.17 -26.66
CA LEU B 85 -7.83 -23.26 -26.40
C LEU B 85 -7.05 -22.45 -27.44
N GLY B 86 -6.22 -21.53 -26.97
CA GLY B 86 -5.33 -20.76 -27.83
C GLY B 86 -6.03 -19.73 -28.71
N ILE B 87 -7.28 -19.43 -28.38
CA ILE B 87 -8.05 -18.49 -29.17
C ILE B 87 -7.39 -17.11 -29.12
N GLU B 88 -7.57 -16.37 -30.20
CA GLU B 88 -7.02 -15.03 -30.32
C GLU B 88 -8.18 -14.09 -30.62
N ILE B 89 -8.43 -13.15 -29.72
CA ILE B 89 -9.45 -12.13 -29.92
C ILE B 89 -8.77 -10.78 -29.74
N ARG B 90 -8.58 -10.06 -30.84
CA ARG B 90 -7.78 -8.84 -30.83
C ARG B 90 -8.50 -7.64 -31.43
N HIS B 91 -8.39 -6.49 -30.76
CA HIS B 91 -9.03 -5.26 -31.21
C HIS B 91 -10.51 -5.46 -31.52
N CYS B 92 -11.20 -6.24 -30.69
CA CYS B 92 -12.61 -6.55 -30.91
C CYS B 92 -13.52 -5.82 -29.94
N ARG B 93 -14.76 -5.61 -30.37
CA ARG B 93 -15.81 -5.21 -29.46
C ARG B 93 -16.51 -6.47 -29.03
N ALA B 94 -16.59 -6.71 -27.71
CA ALA B 94 -17.19 -7.94 -27.21
C ALA B 94 -18.12 -7.66 -26.04
N GLN B 95 -18.71 -6.47 -26.04
CA GLN B 95 -19.62 -6.06 -24.99
C GLN B 95 -20.74 -7.09 -24.78
N GLY B 96 -20.89 -7.54 -23.54
CA GLY B 96 -21.93 -8.48 -23.18
C GLY B 96 -21.73 -9.91 -23.68
N ALA B 97 -20.59 -10.19 -24.29
CA ALA B 97 -20.33 -11.58 -24.69
C ALA B 97 -20.33 -12.47 -23.46
N ASP B 98 -20.63 -13.74 -23.68
CA ASP B 98 -20.93 -14.67 -22.59
C ASP B 98 -19.97 -15.83 -22.76
N PHE B 99 -19.07 -16.01 -21.80
CA PHE B 99 -18.01 -17.01 -21.92
C PHE B 99 -18.15 -18.13 -20.89
N ARG B 100 -19.23 -18.11 -20.13
CA ARG B 100 -19.42 -19.11 -19.09
C ARG B 100 -19.29 -20.53 -19.65
N GLY B 101 -18.58 -21.39 -18.92
CA GLY B 101 -18.35 -22.76 -19.34
C GLY B 101 -17.37 -22.91 -20.49
N ALA B 102 -16.94 -21.80 -21.10
CA ALA B 102 -15.95 -21.89 -22.16
C ALA B 102 -14.63 -22.40 -21.60
N SER B 103 -13.95 -23.24 -22.37
CA SER B 103 -12.70 -23.82 -21.89
C SER B 103 -11.51 -23.29 -22.68
N PHE B 104 -10.50 -22.78 -21.99
CA PHE B 104 -9.32 -22.26 -22.68
C PHE B 104 -8.10 -23.09 -22.36
N ARG B 105 -8.34 -24.37 -22.07
CA ARG B 105 -7.27 -25.21 -21.52
C ARG B 105 -7.39 -26.66 -21.96
N ASN B 106 -6.29 -27.40 -21.78
CA ASN B 106 -6.30 -28.83 -21.94
C ASN B 106 -5.11 -29.41 -21.19
N MET B 107 -5.22 -30.68 -20.80
CA MET B 107 -4.12 -31.36 -20.16
C MET B 107 -3.08 -31.74 -21.19
N ILE B 108 -1.82 -31.45 -20.88
CA ILE B 108 -0.73 -31.80 -21.78
C ILE B 108 0.24 -32.73 -21.07
N THR B 109 1.11 -33.36 -21.84
CA THR B 109 2.10 -34.27 -21.30
C THR B 109 3.42 -33.54 -21.09
N THR B 110 4.00 -33.68 -19.91
CA THR B 110 5.33 -33.15 -19.64
C THR B 110 6.39 -34.04 -20.31
N THR B 112 -0.14 -32.05 -16.93
CA THR B 112 -0.37 -30.72 -16.36
C THR B 112 -1.38 -29.92 -17.20
N TRP B 113 -2.19 -29.08 -16.55
CA TRP B 113 -3.14 -28.22 -17.25
C TRP B 113 -2.39 -27.08 -17.96
N PHE B 114 -2.62 -26.94 -19.25
CA PHE B 114 -2.04 -25.81 -19.99
C PHE B 114 -3.16 -24.90 -20.49
N CYS B 115 -3.19 -23.69 -19.96
CA CYS B 115 -4.24 -22.73 -20.28
C CYS B 115 -3.67 -21.70 -21.25
N SER B 116 -4.47 -21.27 -22.23
CA SER B 116 -3.94 -20.41 -23.29
C SER B 116 -5.03 -19.65 -24.04
N ALA B 117 -4.92 -18.33 -24.03
CA ALA B 117 -5.86 -17.44 -24.70
C ALA B 117 -5.20 -16.08 -24.88
N TYR B 118 -5.54 -15.39 -25.97
CA TYR B 118 -5.06 -14.04 -26.25
C TYR B 118 -6.24 -13.14 -26.55
N ILE B 119 -6.66 -12.40 -25.54
CA ILE B 119 -7.75 -11.45 -25.69
C ILE B 119 -7.17 -10.09 -25.32
N THR B 120 -7.00 -9.23 -26.32
CA THR B 120 -6.26 -7.99 -26.11
C THR B 120 -6.88 -6.86 -26.90
N ASN B 121 -6.72 -5.64 -26.41
CA ASN B 121 -7.29 -4.45 -27.05
C ASN B 121 -8.77 -4.61 -27.35
N THR B 122 -9.45 -5.33 -26.47
CA THR B 122 -10.84 -5.71 -26.72
C THR B 122 -11.79 -5.16 -25.65
N ASN B 123 -12.92 -4.63 -26.09
CA ASN B 123 -13.93 -4.16 -25.15
C ASN B 123 -14.74 -5.33 -24.54
N LEU B 124 -14.48 -5.62 -23.27
CA LEU B 124 -15.15 -6.71 -22.56
C LEU B 124 -16.19 -6.20 -21.56
N SER B 125 -16.63 -4.95 -21.75
CA SER B 125 -17.66 -4.41 -20.87
C SER B 125 -18.86 -5.33 -20.81
N TYR B 126 -19.27 -5.69 -19.59
CA TYR B 126 -20.49 -6.48 -19.35
C TYR B 126 -20.37 -7.90 -19.84
N ALA B 127 -19.18 -8.28 -20.29
CA ALA B 127 -18.96 -9.67 -20.65
C ALA B 127 -19.12 -10.54 -19.40
N ASN B 128 -19.43 -11.82 -19.61
CA ASN B 128 -19.60 -12.71 -18.49
C ASN B 128 -18.52 -13.79 -18.46
N PHE B 129 -17.62 -13.69 -17.48
CA PHE B 129 -16.54 -14.66 -17.30
C PHE B 129 -16.74 -15.52 -16.04
N SER B 130 -17.96 -15.55 -15.50
CA SER B 130 -18.25 -16.33 -14.30
C SER B 130 -17.66 -17.73 -14.34
N LYS B 131 -16.81 -18.02 -13.35
CA LYS B 131 -16.21 -19.34 -13.19
C LYS B 131 -15.20 -19.74 -14.27
N VAL B 132 -14.93 -18.84 -15.20
CA VAL B 132 -14.01 -19.15 -16.28
C VAL B 132 -12.58 -19.31 -15.76
N VAL B 133 -11.81 -20.23 -16.35
CA VAL B 133 -10.41 -20.35 -16.00
C VAL B 133 -9.49 -19.78 -17.10
N LEU B 134 -8.87 -18.64 -16.80
CA LEU B 134 -7.98 -18.00 -17.75
C LEU B 134 -6.67 -17.67 -17.06
N GLU B 135 -5.85 -18.69 -16.85
CA GLU B 135 -4.65 -18.52 -16.07
C GLU B 135 -3.42 -18.43 -16.95
N LYS B 136 -2.53 -17.48 -16.64
CA LYS B 136 -1.29 -17.31 -17.38
C LYS B 136 -1.57 -17.00 -18.85
N CYS B 137 -2.65 -16.26 -19.11
CA CYS B 137 -3.01 -15.86 -20.47
C CYS B 137 -2.62 -14.42 -20.77
N GLU B 138 -2.64 -14.04 -22.04
CA GLU B 138 -2.48 -12.64 -22.42
C GLU B 138 -3.85 -11.95 -22.50
N LEU B 139 -4.09 -10.99 -21.61
CA LEU B 139 -5.41 -10.39 -21.46
C LEU B 139 -5.30 -8.89 -21.31
N TRP B 140 -4.33 -8.29 -22.00
CA TRP B 140 -3.98 -6.90 -21.73
C TRP B 140 -4.69 -5.88 -22.62
N GLU B 141 -4.67 -4.62 -22.17
CA GLU B 141 -5.31 -3.51 -22.86
C GLU B 141 -6.80 -3.71 -23.13
N ASN B 142 -7.48 -4.40 -22.20
CA ASN B 142 -8.93 -4.61 -22.32
C ASN B 142 -9.74 -3.64 -21.47
N ARG B 143 -10.98 -3.40 -21.90
CA ARG B 143 -11.95 -2.65 -21.12
C ARG B 143 -12.87 -3.64 -20.40
N TRP B 144 -12.92 -3.57 -19.07
CA TRP B 144 -13.68 -4.54 -18.29
C TRP B 144 -14.88 -3.95 -17.51
N ILE B 145 -15.39 -2.80 -17.93
CA ILE B 145 -16.50 -2.16 -17.22
C ILE B 145 -17.66 -3.12 -17.04
N GLY B 146 -18.02 -3.39 -15.80
CA GLY B 146 -19.18 -4.20 -15.47
C GLY B 146 -19.08 -5.66 -15.83
N ALA B 147 -17.90 -6.13 -16.21
CA ALA B 147 -17.73 -7.55 -16.49
C ALA B 147 -18.02 -8.39 -15.25
N GLN B 148 -18.70 -9.52 -15.45
CA GLN B 148 -19.05 -10.44 -14.36
C GLN B 148 -17.97 -11.51 -14.28
N VAL B 149 -17.31 -11.60 -13.12
CA VAL B 149 -16.15 -12.48 -13.00
C VAL B 149 -16.23 -13.39 -11.78
N LEU B 150 -17.38 -13.41 -11.10
CA LEU B 150 -17.55 -14.23 -9.90
C LEU B 150 -17.03 -15.66 -10.09
N GLY B 151 -16.11 -16.07 -9.23
CA GLY B 151 -15.58 -17.42 -9.27
C GLY B 151 -14.56 -17.67 -10.37
N ALA B 152 -14.33 -16.68 -11.22
CA ALA B 152 -13.31 -16.82 -12.26
C ALA B 152 -11.90 -16.90 -11.66
N THR B 153 -10.93 -17.40 -12.41
CA THR B 153 -9.55 -17.19 -12.04
C THR B 153 -8.71 -16.67 -13.20
N PHE B 154 -8.02 -15.56 -12.97
CA PHE B 154 -7.13 -14.98 -13.98
C PHE B 154 -5.67 -15.12 -13.58
N SER B 155 -5.42 -15.96 -12.58
CA SER B 155 -4.13 -15.99 -11.89
C SER B 155 -2.96 -16.14 -12.85
N GLY B 156 -1.93 -15.31 -12.64
CA GLY B 156 -0.76 -15.34 -13.48
C GLY B 156 -0.92 -14.69 -14.86
N SER B 157 -2.12 -14.21 -15.17
CA SER B 157 -2.35 -13.59 -16.47
C SER B 157 -1.85 -12.15 -16.52
N ASP B 158 -1.58 -11.67 -17.72
CA ASP B 158 -1.20 -10.28 -17.92
C ASP B 158 -2.45 -9.48 -18.27
N LEU B 159 -2.92 -8.67 -17.32
CA LEU B 159 -4.12 -7.87 -17.52
C LEU B 159 -3.77 -6.40 -17.65
N SER B 160 -2.50 -6.12 -17.90
CA SER B 160 -2.02 -4.74 -17.82
C SER B 160 -2.66 -3.90 -18.92
N GLY B 161 -2.73 -2.60 -18.67
CA GLY B 161 -3.34 -1.67 -19.62
C GLY B 161 -4.86 -1.73 -19.59
N GLY B 162 -5.42 -2.24 -18.51
CA GLY B 162 -6.85 -2.51 -18.46
C GLY B 162 -7.66 -1.38 -17.84
N GLU B 163 -8.95 -1.37 -18.15
N GLU B 163 -8.94 -1.36 -18.16
CA GLU B 163 -9.86 -0.40 -17.56
CA GLU B 163 -9.86 -0.41 -17.55
C GLU B 163 -10.82 -1.14 -16.64
C GLU B 163 -10.79 -1.17 -16.64
N PHE B 164 -10.58 -1.02 -15.34
CA PHE B 164 -11.33 -1.80 -14.34
C PHE B 164 -12.21 -0.93 -13.46
N SER B 165 -12.64 0.22 -13.96
CA SER B 165 -13.72 0.93 -13.30
C SER B 165 -14.95 0.01 -13.24
N THR B 166 -15.74 0.14 -12.19
CA THR B 166 -16.97 -0.64 -12.07
C THR B 166 -16.68 -2.12 -12.26
N PHE B 167 -15.89 -2.67 -11.36
CA PHE B 167 -15.40 -4.03 -11.52
C PHE B 167 -15.20 -4.58 -10.13
N ASP B 168 -15.66 -5.80 -9.90
CA ASP B 168 -15.63 -6.37 -8.54
C ASP B 168 -14.34 -7.15 -8.31
N TRP B 169 -13.35 -6.51 -7.70
CA TRP B 169 -12.04 -7.13 -7.47
C TRP B 169 -12.09 -8.28 -6.46
N ARG B 170 -13.15 -8.36 -5.67
CA ARG B 170 -13.25 -9.43 -4.69
C ARG B 170 -13.79 -10.73 -5.30
N ALA B 171 -14.35 -10.65 -6.51
CA ALA B 171 -15.11 -11.78 -7.08
C ALA B 171 -14.27 -12.91 -7.69
N ALA B 172 -13.02 -12.60 -8.06
CA ALA B 172 -12.21 -13.54 -8.83
C ALA B 172 -10.77 -13.62 -8.30
N ASN B 173 -10.02 -14.59 -8.80
CA ASN B 173 -8.64 -14.75 -8.38
C ASN B 173 -7.66 -13.94 -9.27
N PHE B 174 -7.08 -12.88 -8.70
CA PHE B 174 -6.13 -12.07 -9.44
C PHE B 174 -4.68 -12.22 -9.00
N THR B 175 -4.40 -13.22 -8.16
CA THR B 175 -3.03 -13.42 -7.67
C THR B 175 -2.05 -13.65 -8.81
N HIS B 176 -0.85 -13.10 -8.66
CA HIS B 176 0.21 -13.27 -9.67
C HIS B 176 -0.07 -12.60 -11.02
N CYS B 177 -1.11 -11.77 -11.06
CA CYS B 177 -1.40 -11.00 -12.27
C CYS B 177 -0.54 -9.77 -12.42
N ASP B 178 -0.23 -9.43 -13.67
CA ASP B 178 0.33 -8.14 -13.97
C ASP B 178 -0.82 -7.16 -14.13
N LEU B 179 -0.94 -6.22 -13.19
CA LEU B 179 -2.02 -5.23 -13.21
C LEU B 179 -1.54 -3.81 -13.54
N THR B 180 -0.29 -3.67 -14.00
CA THR B 180 0.31 -2.34 -14.23
C THR B 180 -0.40 -1.56 -15.33
N ASN B 181 -0.25 -0.24 -15.28
CA ASN B 181 -0.79 0.65 -16.29
C ASN B 181 -2.31 0.50 -16.46
N SER B 182 -3.02 0.29 -15.35
CA SER B 182 -4.46 0.05 -15.40
C SER B 182 -5.22 1.00 -14.51
N GLU B 183 -6.42 1.38 -14.94
CA GLU B 183 -7.38 2.08 -14.10
C GLU B 183 -8.04 1.08 -13.16
N LEU B 184 -7.76 1.19 -11.88
CA LEU B 184 -8.12 0.14 -10.92
C LEU B 184 -9.48 0.34 -10.26
N GLY B 185 -10.17 1.42 -10.61
CA GLY B 185 -11.48 1.67 -10.03
C GLY B 185 -11.42 1.70 -8.52
N ASP B 186 -12.12 0.78 -7.87
CA ASP B 186 -12.20 0.75 -6.41
C ASP B 186 -11.39 -0.38 -5.76
N LEU B 187 -10.40 -0.91 -6.48
CA LEU B 187 -9.45 -1.82 -5.85
C LEU B 187 -8.95 -1.19 -4.55
N ASP B 188 -9.03 -1.94 -3.45
CA ASP B 188 -8.43 -1.50 -2.20
C ASP B 188 -7.51 -2.61 -1.69
N ILE B 189 -6.26 -2.27 -1.41
CA ILE B 189 -5.25 -3.27 -1.05
C ILE B 189 -5.51 -3.91 0.31
N ARG B 190 -6.38 -3.32 1.11
CA ARG B 190 -6.72 -3.89 2.41
C ARG B 190 -7.72 -5.06 2.33
N GLY B 191 -8.45 -5.18 1.23
CA GLY B 191 -9.55 -6.12 1.16
C GLY B 191 -9.50 -7.13 0.02
N VAL B 192 -8.41 -7.12 -0.74
CA VAL B 192 -8.27 -8.03 -1.87
C VAL B 192 -6.93 -8.77 -1.79
N ASP B 193 -6.97 -10.06 -2.09
CA ASP B 193 -5.76 -10.87 -2.12
C ASP B 193 -4.95 -10.50 -3.35
N LEU B 194 -3.81 -9.84 -3.14
CA LEU B 194 -2.98 -9.41 -4.28
C LEU B 194 -1.57 -10.00 -4.28
N GLN B 195 -1.43 -11.20 -3.69
CA GLN B 195 -0.14 -11.88 -3.68
C GLN B 195 0.41 -12.07 -5.07
N GLY B 196 1.69 -11.74 -5.25
CA GLY B 196 2.36 -11.92 -6.52
C GLY B 196 1.94 -10.94 -7.59
N VAL B 197 1.05 -10.02 -7.25
CA VAL B 197 0.58 -9.03 -8.22
C VAL B 197 1.60 -7.94 -8.52
N LYS B 198 1.74 -7.57 -9.80
CA LYS B 198 2.55 -6.42 -10.19
C LYS B 198 1.69 -5.17 -10.41
N LEU B 199 2.09 -4.09 -9.74
CA LEU B 199 1.52 -2.76 -9.88
C LEU B 199 2.66 -1.78 -10.11
N ASP B 200 2.38 -0.64 -10.74
CA ASP B 200 3.43 0.36 -10.97
C ASP B 200 3.42 1.47 -9.91
N ASN B 201 4.40 2.38 -9.98
CA ASN B 201 4.55 3.40 -8.96
C ASN B 201 3.34 4.32 -8.86
N TYR B 202 2.77 4.67 -10.02
CA TYR B 202 1.61 5.55 -10.02
C TYR B 202 0.44 4.90 -9.31
N GLN B 203 0.14 3.65 -9.65
CA GLN B 203 -0.93 2.91 -8.97
C GLN B 203 -0.71 2.83 -7.46
N ALA B 204 0.52 2.52 -7.05
CA ALA B 204 0.84 2.43 -5.63
C ALA B 204 0.49 3.73 -4.91
N SER B 205 0.82 4.88 -5.51
CA SER B 205 0.56 6.15 -4.81
C SER B 205 -0.95 6.39 -4.68
N LEU B 206 -1.69 6.08 -5.76
CA LEU B 206 -3.14 6.15 -5.77
C LEU B 206 -3.77 5.25 -4.70
N LEU B 207 -3.32 4.00 -4.66
CA LEU B 207 -3.84 3.05 -3.70
C LEU B 207 -3.54 3.48 -2.28
N MET B 208 -2.39 4.13 -2.08
CA MET B 208 -2.06 4.67 -0.76
C MET B 208 -2.97 5.85 -0.40
N GLU B 209 -3.30 6.70 -1.37
CA GLU B 209 -4.24 7.80 -1.11
C GLU B 209 -5.52 7.23 -0.50
N ARG B 210 -6.01 6.11 -1.05
CA ARG B 210 -7.27 5.53 -0.57
C ARG B 210 -7.20 5.28 0.93
N LEU B 211 -5.99 5.10 1.45
CA LEU B 211 -5.80 4.90 2.89
C LEU B 211 -5.58 6.22 3.60
N GLY B 212 -5.67 7.32 2.86
CA GLY B 212 -5.36 8.64 3.38
C GLY B 212 -3.86 8.94 3.46
N ILE B 213 -3.02 8.11 2.83
CA ILE B 213 -1.56 8.29 2.88
C ILE B 213 -1.03 9.07 1.68
N ALA B 214 -0.28 10.14 1.93
CA ALA B 214 0.43 10.88 0.87
C ALA B 214 1.83 10.26 0.58
N VAL B 215 2.11 9.91 -0.67
CA VAL B 215 3.42 9.34 -1.03
C VAL B 215 4.22 10.37 -1.83
N ILE B 216 5.34 10.85 -1.27
CA ILE B 216 6.35 11.63 -2.01
C ILE B 216 7.52 10.67 -2.32
N GLY B 217 8.49 11.01 -3.19
CA GLY B 217 8.55 12.25 -3.91
C GLY B 217 9.71 12.27 -4.92
S SO4 C . 23.50 6.95 22.22
O1 SO4 C . 24.78 7.14 22.90
O2 SO4 C . 22.92 8.24 21.84
O3 SO4 C . 23.71 6.14 21.00
O4 SO4 C . 22.60 6.24 23.13
S SO4 D . -12.53 -28.17 -19.10
O1 SO4 D . -12.62 -28.69 -17.74
O2 SO4 D . -11.81 -26.89 -19.12
O3 SO4 D . -11.81 -29.11 -19.95
O4 SO4 D . -13.89 -27.95 -19.59
#